data_2Q9N
#
_entry.id   2Q9N
#
_cell.length_a   77.377
_cell.length_b   68.984
_cell.length_c   62.020
_cell.angle_alpha   90
_cell.angle_beta   90
_cell.angle_gamma   90
#
_symmetry.space_group_name_H-M   'P 21 21 2'
#
loop_
_entity.id
_entity.type
_entity.pdbx_description
1 polymer Beta-lactamase
2 non-polymer '(1S,4R,7AR)-4-BUTOXY-1-[(1R)-1-FORMYLPROPYL]-2,4,5,6,7,7A-HEXAHYDRO-1H-ISOINDOLE-3-CARBOXYLIC ACID'
3 water water
#
_entity_poly.entity_id   1
_entity_poly.type   'polypeptide(L)'
_entity_poly.pdbx_seq_one_letter_code
;PVSEKQLAEVVANTITPLMKAQSVPGMAVAVIYQGKPHYYTFGKADIAANKPVTPQTLFELGSISKTFTGVLGGDAIARG
EISLDDAVTRYWPQLTGKQWQGIRMLDLATYTAGGLPLQVPDEVTDNASLLRFYQNWQPQWKPGTTRLYANASIGLFGAL
AVKPSGMPYEQAMTTRVLKPLKLDHTWINVPKAEEAHYAWGYRDGKAVRVSPGMLDAQAYGVKTNVQDMANWVMANMAPE
NVADASLKQGIALAQSRYWRIGSMYQGLGWEMLNWPVEANTVVEGSDSKVALAPLPVAEVNPPAPPVKASWVHKTGSTGG
FGSYVAFIPEKQIGIVMLANTSYPNPARVEAAYHILEAL
;
_entity_poly.pdbx_strand_id   A
#
loop_
_chem_comp.id
_chem_comp.type
_chem_comp.name
_chem_comp.formula
LK5 non-polymer '(1S,4R,7AR)-4-BUTOXY-1-[(1R)-1-FORMYLPROPYL]-2,4,5,6,7,7A-HEXAHYDRO-1H-ISOINDOLE-3-CARBOXYLIC ACID' 'C17 H27 N O4'
#
# COMPACT_ATOMS: atom_id res chain seq x y z
N PRO A 1 -11.16 20.29 20.79
CA PRO A 1 -9.91 20.12 20.06
C PRO A 1 -8.72 19.67 20.93
N VAL A 2 -8.23 18.46 20.66
CA VAL A 2 -7.09 17.88 21.37
C VAL A 2 -5.87 18.77 21.15
N SER A 3 -5.23 19.17 22.23
CA SER A 3 -4.05 20.00 22.11
C SER A 3 -2.90 19.17 21.56
N GLU A 4 -1.83 19.85 21.18
CA GLU A 4 -0.66 19.17 20.64
C GLU A 4 0.03 18.36 21.73
N LYS A 5 -0.12 18.83 22.96
CA LYS A 5 0.46 18.17 24.12
C LYS A 5 -0.19 16.82 24.36
N GLN A 6 -1.52 16.82 24.52
CA GLN A 6 -2.28 15.60 24.78
C GLN A 6 -2.02 14.54 23.71
N LEU A 7 -2.02 14.97 22.46
CA LEU A 7 -1.78 14.05 21.35
C LEU A 7 -0.38 13.45 21.46
N ALA A 8 0.58 14.27 21.85
CA ALA A 8 1.95 13.83 21.98
C ALA A 8 2.02 12.72 23.03
N GLU A 9 1.29 12.90 24.13
CA GLU A 9 1.24 11.91 25.22
C GLU A 9 0.55 10.64 24.73
N VAL A 10 -0.61 10.82 24.10
CA VAL A 10 -1.41 9.74 23.53
C VAL A 10 -0.58 8.85 22.58
N VAL A 11 0.24 9.47 21.72
CA VAL A 11 1.10 8.71 20.81
C VAL A 11 2.19 8.03 21.65
N ALA A 12 2.80 8.82 22.54
CA ALA A 12 3.84 8.34 23.42
C ALA A 12 3.42 7.10 24.19
N ASN A 13 2.38 7.26 25.01
CA ASN A 13 1.88 6.16 25.83
C ASN A 13 1.28 4.98 25.05
N THR A 14 1.34 5.01 23.73
CA THR A 14 0.81 3.90 22.93
C THR A 14 1.95 3.19 22.19
N ILE A 15 2.80 3.98 21.54
CA ILE A 15 3.92 3.46 20.77
C ILE A 15 5.07 2.88 21.60
N THR A 16 5.49 3.53 22.69
CA THR A 16 6.58 2.97 23.51
C THR A 16 6.18 1.58 24.02
N PRO A 17 5.01 1.45 24.67
CA PRO A 17 4.62 0.12 25.13
C PRO A 17 4.61 -0.88 23.98
N LEU A 18 4.23 -0.40 22.80
CA LEU A 18 4.16 -1.24 21.60
C LEU A 18 5.57 -1.63 21.15
N MET A 19 6.53 -0.74 21.34
CA MET A 19 7.90 -1.06 20.94
C MET A 19 8.57 -2.01 21.94
N LYS A 20 8.23 -1.88 23.21
CA LYS A 20 8.80 -2.75 24.23
C LYS A 20 8.31 -4.19 23.97
N ALA A 21 6.99 -4.38 23.99
CA ALA A 21 6.37 -5.69 23.78
C ALA A 21 6.75 -6.39 22.48
N GLN A 22 7.03 -5.64 21.43
CA GLN A 22 7.41 -6.26 20.16
C GLN A 22 8.90 -6.09 19.85
N SER A 23 9.65 -5.51 20.79
CA SER A 23 11.09 -5.26 20.65
C SER A 23 11.43 -4.73 19.26
N VAL A 24 10.85 -3.58 18.96
CA VAL A 24 11.02 -2.88 17.69
C VAL A 24 12.13 -1.86 17.95
N PRO A 25 13.24 -1.93 17.20
CA PRO A 25 14.26 -0.93 17.49
C PRO A 25 13.86 0.50 17.12
N GLY A 26 13.17 0.66 15.99
CA GLY A 26 12.80 1.99 15.58
C GLY A 26 11.50 2.20 14.82
N MET A 27 10.87 3.34 15.08
CA MET A 27 9.66 3.71 14.35
C MET A 27 9.36 5.20 14.39
N ALA A 28 8.77 5.68 13.31
CA ALA A 28 8.40 7.08 13.18
C ALA A 28 6.90 7.17 12.89
N VAL A 29 6.23 8.08 13.59
CA VAL A 29 4.78 8.25 13.47
C VAL A 29 4.30 9.68 13.16
N ALA A 30 3.18 9.75 12.45
CA ALA A 30 2.43 10.97 12.05
C ALA A 30 1.10 10.25 11.83
N VAL A 31 -0.12 10.67 12.22
CA VAL A 31 -0.69 11.83 12.89
C VAL A 31 -1.01 13.09 12.16
N ILE A 32 -2.07 12.90 11.38
CA ILE A 32 -2.70 13.90 10.56
C ILE A 32 -3.96 14.29 11.33
N TYR A 33 -3.97 15.53 11.77
CA TYR A 33 -5.05 16.04 12.59
C TYR A 33 -5.15 17.55 12.38
N GLN A 34 -6.37 18.00 12.09
CA GLN A 34 -6.64 19.42 11.89
C GLN A 34 -5.74 20.10 10.87
N GLY A 35 -5.74 19.56 9.65
CA GLY A 35 -4.96 20.12 8.56
C GLY A 35 -3.46 19.95 8.55
N LYS A 36 -2.85 19.63 9.69
CA LYS A 36 -1.39 19.47 9.75
C LYS A 36 -0.94 18.10 10.23
N PRO A 37 0.23 17.65 9.76
CA PRO A 37 0.70 16.34 10.22
C PRO A 37 1.48 16.67 11.49
N HIS A 38 1.77 15.65 12.28
CA HIS A 38 2.52 15.83 13.52
C HIS A 38 3.45 14.64 13.63
N TYR A 39 4.74 14.90 13.76
CA TYR A 39 5.72 13.83 13.81
C TYR A 39 6.23 13.42 15.17
N TYR A 40 6.45 12.12 15.31
CA TYR A 40 6.97 11.53 16.54
C TYR A 40 7.96 10.46 16.11
N THR A 41 9.15 10.51 16.68
CA THR A 41 10.19 9.57 16.33
C THR A 41 10.69 8.86 17.58
N PHE A 42 10.93 7.55 17.44
CA PHE A 42 11.39 6.73 18.56
C PHE A 42 12.46 5.72 18.15
N GLY A 43 13.38 5.46 19.08
CA GLY A 43 14.39 4.45 18.83
C GLY A 43 15.42 4.63 17.75
N LYS A 44 15.90 3.51 17.24
CA LYS A 44 16.96 3.50 16.24
C LYS A 44 16.63 3.06 14.84
N ALA A 45 17.34 3.65 13.89
CA ALA A 45 17.21 3.32 12.48
C ALA A 45 18.26 2.25 12.15
N ASP A 46 19.36 2.28 12.91
CA ASP A 46 20.48 1.34 12.77
C ASP A 46 21.09 1.14 14.16
N ILE A 47 20.91 -0.03 14.76
CA ILE A 47 21.46 -0.28 16.10
C ILE A 47 22.99 -0.24 16.06
N ALA A 48 23.57 -0.96 15.11
CA ALA A 48 25.04 -1.02 14.96
C ALA A 48 25.75 0.34 14.94
N ALA A 49 25.14 1.32 14.28
CA ALA A 49 25.76 2.65 14.16
C ALA A 49 25.14 3.71 15.07
N ASN A 50 24.19 3.27 15.90
CA ASN A 50 23.49 4.13 16.85
C ASN A 50 22.93 5.46 16.31
N LYS A 51 22.27 5.38 15.17
CA LYS A 51 21.65 6.55 14.55
C LYS A 51 20.16 6.48 14.93
N PRO A 52 19.64 7.49 15.65
CA PRO A 52 18.23 7.46 16.05
C PRO A 52 17.30 7.70 14.86
N VAL A 53 16.05 7.28 15.00
CA VAL A 53 15.09 7.50 13.92
C VAL A 53 14.78 8.99 13.89
N THR A 54 14.84 9.55 12.68
CA THR A 54 14.57 10.96 12.46
C THR A 54 13.43 11.11 11.45
N PRO A 55 12.90 12.34 11.29
CA PRO A 55 11.82 12.44 10.30
C PRO A 55 12.27 12.28 8.86
N GLN A 56 13.59 12.17 8.67
CA GLN A 56 14.18 12.00 7.33
C GLN A 56 14.52 10.52 7.08
N THR A 57 14.43 9.69 8.13
CA THR A 57 14.74 8.27 8.02
C THR A 57 13.90 7.57 6.94
N LEU A 58 14.57 6.85 6.04
CA LEU A 58 13.88 6.10 5.00
C LEU A 58 13.49 4.72 5.53
N PHE A 59 12.27 4.28 5.24
CA PHE A 59 11.76 2.98 5.68
C PHE A 59 11.26 2.19 4.47
N GLU A 60 11.34 0.87 4.54
CA GLU A 60 10.79 0.06 3.44
C GLU A 60 9.30 -0.02 3.76
N LEU A 61 8.46 0.30 2.77
CA LEU A 61 7.02 0.29 2.93
C LEU A 61 6.39 -1.10 2.80
N GLY A 62 7.04 -1.97 2.03
CA GLY A 62 6.51 -3.31 1.82
C GLY A 62 5.29 -3.28 0.92
N SER A 63 4.22 -3.93 1.34
CA SER A 63 2.97 -3.98 0.58
C SER A 63 2.23 -2.64 0.46
N ILE A 64 2.61 -1.67 1.29
CA ILE A 64 1.99 -0.35 1.22
C ILE A 64 2.31 0.32 -0.13
N SER A 65 3.30 -0.22 -0.85
CA SER A 65 3.67 0.28 -2.16
C SER A 65 2.48 0.13 -3.12
N LYS A 66 1.64 -0.85 -2.84
CA LYS A 66 0.44 -1.11 -3.65
C LYS A 66 -0.50 0.09 -3.74
N THR A 67 -0.50 0.93 -2.72
CA THR A 67 -1.36 2.10 -2.75
C THR A 67 -0.88 3.07 -3.83
N PHE A 68 0.44 3.16 -4.02
CA PHE A 68 0.96 4.02 -5.08
C PHE A 68 0.62 3.39 -6.41
N THR A 69 0.76 2.06 -6.51
CA THR A 69 0.44 1.33 -7.73
C THR A 69 -1.03 1.56 -8.07
N GLY A 70 -1.86 1.60 -7.03
CA GLY A 70 -3.28 1.82 -7.20
C GLY A 70 -3.58 3.21 -7.77
N VAL A 71 -2.98 4.24 -7.17
CA VAL A 71 -3.23 5.60 -7.63
C VAL A 71 -2.64 5.88 -9.03
N LEU A 72 -1.47 5.31 -9.30
CA LEU A 72 -0.82 5.47 -10.59
C LEU A 72 -1.71 4.84 -11.64
N GLY A 73 -2.36 3.74 -11.26
CA GLY A 73 -3.27 3.06 -12.16
C GLY A 73 -4.51 3.90 -12.43
N GLY A 74 -5.06 4.49 -11.37
CA GLY A 74 -6.24 5.32 -11.51
C GLY A 74 -5.92 6.54 -12.38
N ASP A 75 -4.68 7.00 -12.31
CA ASP A 75 -4.25 8.16 -13.07
C ASP A 75 -4.29 7.87 -14.56
N ALA A 76 -3.81 6.67 -14.94
CA ALA A 76 -3.83 6.23 -16.33
C ALA A 76 -5.28 6.13 -16.78
N ILE A 77 -6.16 5.70 -15.88
CA ILE A 77 -7.59 5.61 -16.21
C ILE A 77 -8.12 7.03 -16.46
N ALA A 78 -7.81 7.96 -15.55
CA ALA A 78 -8.24 9.35 -15.70
C ALA A 78 -7.77 9.95 -17.02
N ARG A 79 -6.57 9.60 -17.49
CA ARG A 79 -6.07 10.11 -18.77
C ARG A 79 -6.68 9.38 -19.95
N GLY A 80 -7.35 8.27 -19.69
CA GLY A 80 -7.95 7.50 -20.77
C GLY A 80 -7.01 6.51 -21.45
N GLU A 81 -5.79 6.36 -20.96
CA GLU A 81 -4.85 5.41 -21.56
C GLU A 81 -5.27 3.98 -21.26
N ILE A 82 -6.06 3.82 -20.20
CA ILE A 82 -6.48 2.48 -19.79
C ILE A 82 -7.90 2.46 -19.22
N SER A 83 -8.52 1.30 -19.21
CA SER A 83 -9.85 1.14 -18.62
C SER A 83 -9.91 -0.17 -17.85
N LEU A 84 -10.40 -0.12 -16.62
CA LEU A 84 -10.54 -1.29 -15.77
C LEU A 84 -11.26 -2.45 -16.46
N ASP A 85 -12.19 -2.13 -17.36
CA ASP A 85 -12.99 -3.13 -18.09
C ASP A 85 -12.25 -3.85 -19.21
N ASP A 86 -11.11 -3.32 -19.64
CA ASP A 86 -10.36 -3.96 -20.72
C ASP A 86 -9.79 -5.31 -20.32
N ALA A 87 -9.73 -6.20 -21.31
CA ALA A 87 -9.14 -7.52 -21.12
C ALA A 87 -7.66 -7.30 -20.88
N VAL A 88 -7.10 -8.05 -19.93
CA VAL A 88 -5.67 -7.99 -19.60
C VAL A 88 -4.85 -8.16 -20.88
N THR A 89 -5.40 -8.98 -21.77
CA THR A 89 -4.81 -9.34 -23.04
C THR A 89 -4.56 -8.15 -23.97
N ARG A 90 -5.31 -7.08 -23.74
CA ARG A 90 -5.24 -5.87 -24.54
C ARG A 90 -3.90 -5.12 -24.39
N TYR A 91 -3.21 -5.34 -23.28
CA TYR A 91 -1.92 -4.70 -23.05
C TYR A 91 -0.77 -5.69 -23.00
N TRP A 92 -1.09 -6.95 -23.27
CA TRP A 92 -0.10 -8.01 -23.31
C TRP A 92 -0.65 -9.06 -24.26
N PRO A 93 -0.57 -8.79 -25.57
CA PRO A 93 -1.04 -9.64 -26.66
C PRO A 93 -0.29 -10.97 -26.65
N GLN A 94 0.95 -10.95 -26.21
CA GLN A 94 1.76 -12.17 -26.11
C GLN A 94 1.06 -13.20 -25.23
N LEU A 95 0.34 -12.73 -24.21
CA LEU A 95 -0.42 -13.59 -23.28
C LEU A 95 -1.59 -14.23 -24.03
N THR A 96 -1.29 -15.22 -24.85
CA THR A 96 -2.27 -15.89 -25.71
C THR A 96 -3.08 -17.05 -25.13
N GLY A 97 -2.61 -17.63 -24.03
CA GLY A 97 -3.34 -18.75 -23.43
C GLY A 97 -4.80 -18.42 -23.25
N LYS A 98 -5.68 -19.34 -23.65
CA LYS A 98 -7.10 -19.09 -23.59
C LYS A 98 -7.71 -18.87 -22.21
N GLN A 99 -6.96 -19.21 -21.17
CA GLN A 99 -7.44 -19.02 -19.81
C GLN A 99 -7.52 -17.55 -19.38
N TRP A 100 -6.88 -16.63 -20.11
CA TRP A 100 -6.93 -15.20 -19.73
C TRP A 100 -8.15 -14.42 -20.23
N GLN A 101 -8.79 -14.91 -21.27
CA GLN A 101 -9.95 -14.28 -21.92
C GLN A 101 -10.87 -13.32 -21.14
N GLY A 102 -11.70 -13.83 -20.24
CA GLY A 102 -12.59 -12.94 -19.51
C GLY A 102 -11.99 -12.28 -18.28
N ILE A 103 -10.66 -12.20 -18.24
CA ILE A 103 -9.95 -11.60 -17.11
C ILE A 103 -9.64 -10.14 -17.45
N ARG A 104 -10.00 -9.25 -16.54
CA ARG A 104 -9.83 -7.81 -16.76
C ARG A 104 -8.68 -7.19 -16.00
N MET A 105 -8.36 -5.95 -16.37
CA MET A 105 -7.35 -5.16 -15.68
C MET A 105 -7.86 -4.94 -14.25
N LEU A 106 -9.19 -4.91 -14.10
CA LEU A 106 -9.81 -4.75 -12.80
C LEU A 106 -9.50 -5.94 -11.92
N ASP A 107 -9.69 -7.14 -12.45
CA ASP A 107 -9.43 -8.37 -11.71
C ASP A 107 -7.97 -8.39 -11.22
N LEU A 108 -7.04 -7.98 -12.07
CA LEU A 108 -5.63 -7.93 -11.69
C LEU A 108 -5.36 -6.96 -10.56
N ALA A 109 -5.91 -5.77 -10.71
CA ALA A 109 -5.72 -4.71 -9.74
C ALA A 109 -6.34 -5.04 -8.40
N THR A 110 -7.35 -5.92 -8.41
CA THR A 110 -8.06 -6.29 -7.19
C THR A 110 -7.99 -7.76 -6.72
N TYR A 111 -7.00 -8.53 -7.21
CA TYR A 111 -6.79 -9.93 -6.76
C TYR A 111 -7.96 -10.88 -7.03
N THR A 112 -8.73 -10.54 -8.03
CA THR A 112 -9.94 -11.23 -8.36
C THR A 112 -9.83 -12.03 -9.69
N ALA A 113 -8.60 -12.23 -10.16
CA ALA A 113 -8.38 -12.92 -11.43
C ALA A 113 -8.63 -14.44 -11.46
N GLY A 114 -8.78 -15.05 -10.29
CA GLY A 114 -9.02 -16.49 -10.25
C GLY A 114 -7.93 -17.31 -9.58
N GLY A 115 -7.27 -16.76 -8.58
CA GLY A 115 -6.25 -17.51 -7.88
C GLY A 115 -4.81 -17.32 -8.31
N LEU A 116 -4.40 -16.09 -8.60
CA LEU A 116 -3.00 -15.84 -8.94
C LEU A 116 -2.30 -15.96 -7.59
N PRO A 117 -1.16 -16.67 -7.55
CA PRO A 117 -0.44 -16.86 -6.29
C PRO A 117 0.11 -15.59 -5.65
N LEU A 118 0.23 -15.66 -4.32
CA LEU A 118 0.75 -14.56 -3.51
C LEU A 118 2.04 -13.99 -4.11
N GLN A 119 2.84 -14.86 -4.69
CA GLN A 119 4.09 -14.38 -5.22
C GLN A 119 4.38 -14.79 -6.64
N VAL A 120 5.25 -13.99 -7.28
CA VAL A 120 5.76 -14.28 -8.61
C VAL A 120 6.96 -15.17 -8.23
N PRO A 121 7.03 -16.40 -8.73
CA PRO A 121 8.16 -17.26 -8.36
C PRO A 121 9.56 -16.74 -8.66
N ASP A 122 10.52 -17.22 -7.86
CA ASP A 122 11.92 -16.81 -7.97
C ASP A 122 12.64 -17.22 -9.27
N GLU A 123 12.14 -18.25 -9.95
CA GLU A 123 12.75 -18.67 -11.22
C GLU A 123 12.47 -17.61 -12.30
N VAL A 124 11.56 -16.68 -11.98
CA VAL A 124 11.18 -15.61 -12.90
C VAL A 124 12.16 -14.45 -12.80
N THR A 125 13.14 -14.45 -13.69
CA THR A 125 14.17 -13.43 -13.69
C THR A 125 14.12 -12.45 -14.86
N ASP A 126 13.45 -12.82 -15.94
CA ASP A 126 13.36 -11.92 -17.09
C ASP A 126 11.98 -11.89 -17.72
N ASN A 127 11.89 -11.21 -18.86
CA ASN A 127 10.63 -11.06 -19.55
C ASN A 127 10.10 -12.38 -20.08
N ALA A 128 11.00 -13.19 -20.62
CA ALA A 128 10.60 -14.48 -21.15
C ALA A 128 10.03 -15.40 -20.07
N SER A 129 10.60 -15.33 -18.87
CA SER A 129 10.12 -16.18 -17.77
C SER A 129 8.87 -15.61 -17.10
N LEU A 130 8.66 -14.30 -17.19
CA LEU A 130 7.46 -13.70 -16.63
C LEU A 130 6.31 -14.19 -17.49
N LEU A 131 6.52 -14.11 -18.80
CA LEU A 131 5.54 -14.54 -19.78
C LEU A 131 5.18 -16.02 -19.55
N ARG A 132 6.18 -16.88 -19.55
CA ARG A 132 5.96 -18.31 -19.34
C ARG A 132 5.17 -18.57 -18.07
N PHE A 133 5.55 -17.92 -16.97
CA PHE A 133 4.86 -18.07 -15.70
C PHE A 133 3.36 -17.85 -15.84
N TYR A 134 2.97 -16.66 -16.30
CA TYR A 134 1.55 -16.32 -16.47
C TYR A 134 0.89 -17.17 -17.53
N GLN A 135 1.64 -17.45 -18.60
CA GLN A 135 1.14 -18.29 -19.68
C GLN A 135 0.84 -19.70 -19.21
N ASN A 136 1.56 -20.16 -18.19
CA ASN A 136 1.36 -21.51 -17.67
C ASN A 136 0.35 -21.56 -16.53
N TRP A 137 0.04 -20.41 -15.94
CA TRP A 137 -0.91 -20.36 -14.83
C TRP A 137 -2.31 -20.88 -15.16
N GLN A 138 -2.79 -21.80 -14.33
CA GLN A 138 -4.13 -22.37 -14.52
C GLN A 138 -5.02 -21.97 -13.33
N PRO A 139 -5.97 -21.04 -13.57
CA PRO A 139 -6.92 -20.49 -12.60
C PRO A 139 -7.71 -21.57 -11.86
N GLN A 140 -7.88 -21.42 -10.55
CA GLN A 140 -8.66 -22.38 -9.79
C GLN A 140 -10.13 -21.95 -9.81
N TRP A 141 -10.38 -20.66 -9.99
CA TRP A 141 -11.75 -20.13 -10.03
C TRP A 141 -12.03 -19.23 -11.22
N LYS A 142 -13.31 -19.08 -11.53
CA LYS A 142 -13.74 -18.19 -12.60
C LYS A 142 -13.41 -16.75 -12.17
N PRO A 143 -13.24 -15.84 -13.15
CA PRO A 143 -12.92 -14.43 -12.89
C PRO A 143 -14.04 -13.77 -12.09
N GLY A 144 -13.68 -12.82 -11.23
CA GLY A 144 -14.67 -12.10 -10.45
C GLY A 144 -15.51 -12.86 -9.45
N THR A 145 -14.99 -13.99 -8.94
CA THR A 145 -15.71 -14.77 -7.93
C THR A 145 -14.97 -14.93 -6.62
N THR A 146 -13.64 -14.85 -6.67
CA THR A 146 -12.83 -15.05 -5.47
C THR A 146 -11.69 -14.07 -5.26
N ARG A 147 -11.59 -13.52 -4.06
CA ARG A 147 -10.49 -12.61 -3.74
C ARG A 147 -9.34 -13.41 -3.15
N LEU A 148 -8.20 -13.35 -3.82
CA LEU A 148 -7.02 -14.02 -3.31
C LEU A 148 -5.87 -13.05 -3.42
N TYR A 149 -5.58 -12.42 -2.28
CA TYR A 149 -4.53 -11.44 -2.17
C TYR A 149 -3.20 -11.92 -2.75
N ALA A 150 -2.71 -11.22 -3.76
CA ALA A 150 -1.49 -11.61 -4.45
C ALA A 150 -0.67 -10.48 -5.07
N ASN A 151 0.65 -10.59 -4.96
CA ASN A 151 1.57 -9.61 -5.50
C ASN A 151 1.69 -9.83 -7.00
N ALA A 152 1.46 -11.08 -7.42
CA ALA A 152 1.50 -11.46 -8.82
C ALA A 152 0.30 -10.92 -9.61
N SER A 153 -0.76 -10.54 -8.90
CA SER A 153 -1.92 -9.97 -9.55
C SER A 153 -1.71 -8.46 -9.72
N ILE A 154 -1.63 -7.75 -8.59
CA ILE A 154 -1.44 -6.31 -8.60
C ILE A 154 -0.10 -5.90 -9.21
N GLY A 155 0.89 -6.78 -9.10
CA GLY A 155 2.20 -6.49 -9.68
C GLY A 155 2.03 -6.34 -11.18
N LEU A 156 1.30 -7.27 -11.78
CA LEU A 156 1.06 -7.26 -13.21
C LEU A 156 0.23 -6.04 -13.60
N PHE A 157 -0.82 -5.75 -12.84
CA PHE A 157 -1.67 -4.59 -13.12
C PHE A 157 -0.88 -3.30 -13.26
N GLY A 158 0.05 -3.06 -12.34
CA GLY A 158 0.86 -1.85 -12.37
C GLY A 158 1.78 -1.75 -13.57
N ALA A 159 2.37 -2.88 -13.95
CA ALA A 159 3.29 -2.95 -15.08
C ALA A 159 2.56 -2.80 -16.41
N LEU A 160 1.31 -3.23 -16.43
CA LEU A 160 0.46 -3.14 -17.61
C LEU A 160 -0.28 -1.79 -17.65
N ALA A 161 -0.51 -1.20 -16.47
CA ALA A 161 -1.22 0.07 -16.38
C ALA A 161 -0.44 1.20 -17.07
N VAL A 162 0.88 1.10 -17.02
CA VAL A 162 1.77 2.10 -17.62
C VAL A 162 2.24 1.85 -19.05
N LYS A 163 1.88 0.71 -19.64
CA LYS A 163 2.32 0.42 -21.02
C LYS A 163 1.85 1.40 -22.09
N PRO A 164 0.55 1.75 -22.10
CA PRO A 164 0.07 2.70 -23.12
C PRO A 164 0.86 4.00 -23.08
N SER A 165 1.27 4.40 -21.88
CA SER A 165 2.03 5.62 -21.69
C SER A 165 3.40 5.54 -22.35
N GLY A 166 3.91 4.31 -22.51
CA GLY A 166 5.22 4.12 -23.12
C GLY A 166 6.33 4.41 -22.16
N MET A 167 5.96 4.79 -20.94
CA MET A 167 6.88 5.11 -19.86
C MET A 167 7.12 3.90 -18.95
N PRO A 168 8.37 3.74 -18.47
CA PRO A 168 8.66 2.61 -17.58
C PRO A 168 8.02 2.93 -16.25
N TYR A 169 7.63 1.90 -15.51
CA TYR A 169 6.98 2.09 -14.22
C TYR A 169 7.63 3.14 -13.31
N GLU A 170 8.94 3.05 -13.11
CA GLU A 170 9.63 3.97 -12.23
C GLU A 170 9.48 5.41 -12.71
N GLN A 171 9.62 5.61 -14.02
CA GLN A 171 9.52 6.95 -14.57
C GLN A 171 8.10 7.50 -14.54
N ALA A 172 7.11 6.64 -14.76
CA ALA A 172 5.71 7.06 -14.74
C ALA A 172 5.28 7.48 -13.33
N MET A 173 5.76 6.75 -12.32
CA MET A 173 5.43 7.05 -10.92
C MET A 173 6.02 8.38 -10.41
N THR A 174 7.27 8.65 -10.79
CA THR A 174 7.92 9.89 -10.36
C THR A 174 7.29 11.11 -11.04
N THR A 175 6.96 10.95 -12.32
CA THR A 175 6.39 12.01 -13.16
C THR A 175 4.92 12.35 -12.89
N ARG A 176 4.09 11.32 -12.77
CA ARG A 176 2.66 11.50 -12.57
C ARG A 176 2.17 11.47 -11.13
N VAL A 177 2.97 10.94 -10.21
CA VAL A 177 2.53 10.82 -8.83
C VAL A 177 3.43 11.46 -7.79
N LEU A 178 4.68 11.02 -7.72
CA LEU A 178 5.60 11.54 -6.73
C LEU A 178 5.90 13.02 -6.89
N LYS A 179 6.35 13.44 -8.07
CA LYS A 179 6.66 14.84 -8.31
C LYS A 179 5.50 15.86 -8.17
N PRO A 180 4.29 15.52 -8.64
CA PRO A 180 3.20 16.51 -8.48
C PRO A 180 2.74 16.69 -7.04
N LEU A 181 3.08 15.72 -6.19
CA LEU A 181 2.70 15.75 -4.77
C LEU A 181 3.86 16.18 -3.87
N LYS A 182 4.97 16.58 -4.50
CA LYS A 182 6.15 17.02 -3.79
C LYS A 182 6.75 15.97 -2.88
N LEU A 183 6.71 14.71 -3.31
CA LEU A 183 7.26 13.61 -2.54
C LEU A 183 8.65 13.37 -3.12
N ASP A 184 9.59 14.23 -2.74
CA ASP A 184 10.94 14.13 -3.28
C ASP A 184 11.91 13.25 -2.48
N HIS A 185 11.39 12.55 -1.47
CA HIS A 185 12.21 11.66 -0.66
C HIS A 185 11.50 10.32 -0.49
N THR A 186 10.98 9.86 -1.63
CA THR A 186 10.25 8.61 -1.77
C THR A 186 10.93 8.03 -2.99
N TRP A 187 11.34 6.77 -2.94
CA TRP A 187 12.04 6.21 -4.07
C TRP A 187 11.84 4.73 -4.29
N ILE A 188 11.89 4.33 -5.56
CA ILE A 188 11.81 2.93 -5.88
C ILE A 188 13.25 2.40 -5.75
N ASN A 189 14.25 3.24 -6.07
CA ASN A 189 15.67 2.89 -5.89
C ASN A 189 16.31 4.07 -5.14
N VAL A 190 16.84 3.81 -3.96
CA VAL A 190 17.46 4.87 -3.16
C VAL A 190 18.73 5.38 -3.86
N PRO A 191 18.84 6.70 -4.07
CA PRO A 191 20.07 7.15 -4.74
C PRO A 191 21.22 7.17 -3.75
N LYS A 192 22.43 6.91 -4.25
CA LYS A 192 23.63 6.84 -3.43
C LYS A 192 23.73 7.95 -2.39
N ALA A 193 23.38 9.16 -2.79
CA ALA A 193 23.45 10.29 -1.87
C ALA A 193 22.41 10.30 -0.74
N GLU A 194 21.54 9.29 -0.70
CA GLU A 194 20.53 9.21 0.36
C GLU A 194 20.69 7.96 1.21
N GLU A 195 21.57 7.04 0.78
CA GLU A 195 21.82 5.78 1.50
C GLU A 195 21.97 6.03 3.00
N ALA A 196 22.57 7.16 3.34
CA ALA A 196 22.83 7.54 4.71
C ALA A 196 21.56 7.63 5.54
N HIS A 197 20.47 8.03 4.90
CA HIS A 197 19.17 8.15 5.55
C HIS A 197 18.46 6.80 5.63
N TYR A 198 18.90 5.86 4.82
CA TYR A 198 18.30 4.52 4.76
C TYR A 198 18.49 3.70 6.04
N ALA A 199 17.37 3.38 6.69
CA ALA A 199 17.40 2.61 7.91
C ALA A 199 17.65 1.14 7.57
N TRP A 200 18.13 0.39 8.55
CA TRP A 200 18.38 -1.03 8.37
C TRP A 200 17.22 -1.76 8.99
N GLY A 201 16.78 -2.84 8.35
CA GLY A 201 15.70 -3.63 8.88
C GLY A 201 16.22 -4.51 10.00
N TYR A 202 15.33 -5.03 10.81
CA TYR A 202 15.72 -5.89 11.90
C TYR A 202 14.82 -7.10 12.07
N ARG A 203 15.38 -8.21 11.61
CA ARG A 203 14.76 -9.50 11.72
C ARG A 203 15.43 -9.94 13.02
N ASP A 204 14.93 -11.00 13.64
CA ASP A 204 15.42 -11.56 14.90
C ASP A 204 16.88 -11.22 15.31
N GLY A 205 17.15 -9.94 15.56
CA GLY A 205 18.48 -9.50 15.92
C GLY A 205 19.37 -9.26 14.71
N LYS A 206 18.91 -9.66 13.54
CA LYS A 206 19.71 -9.50 12.32
C LYS A 206 19.30 -8.30 11.47
N ALA A 207 20.30 -7.53 11.05
CA ALA A 207 20.09 -6.35 10.22
C ALA A 207 19.83 -6.83 8.80
N VAL A 208 18.72 -6.40 8.20
CA VAL A 208 18.37 -6.81 6.83
C VAL A 208 17.72 -5.74 5.96
N ARG A 209 17.61 -6.04 4.67
CA ARG A 209 17.02 -5.16 3.69
C ARG A 209 16.45 -5.97 2.53
N VAL A 210 15.39 -5.45 1.94
CA VAL A 210 14.69 -6.07 0.81
C VAL A 210 15.63 -6.42 -0.34
N SER A 211 15.28 -7.46 -1.08
CA SER A 211 16.07 -7.92 -2.22
C SER A 211 15.30 -7.68 -3.52
N PRO A 212 16.01 -7.56 -4.65
CA PRO A 212 15.37 -7.32 -5.95
C PRO A 212 14.70 -8.54 -6.59
N GLY A 213 13.44 -8.35 -7.01
CA GLY A 213 12.68 -9.42 -7.64
C GLY A 213 11.70 -8.87 -8.66
N MET A 214 11.22 -9.70 -9.57
CA MET A 214 10.29 -9.25 -10.60
C MET A 214 9.02 -8.63 -10.03
N LEU A 215 8.50 -7.62 -10.73
CA LEU A 215 7.29 -6.91 -10.33
C LEU A 215 7.38 -6.40 -8.89
N ASP A 216 8.59 -6.08 -8.45
CA ASP A 216 8.79 -5.61 -7.07
C ASP A 216 8.47 -4.14 -6.86
N ALA A 217 8.91 -3.30 -7.79
CA ALA A 217 8.64 -1.86 -7.72
C ALA A 217 7.14 -1.63 -7.55
N GLN A 218 6.34 -2.52 -8.16
CA GLN A 218 4.90 -2.46 -8.11
C GLN A 218 4.26 -2.98 -6.83
N ALA A 219 4.82 -4.03 -6.25
CA ALA A 219 4.20 -4.61 -5.07
C ALA A 219 4.79 -4.33 -3.70
N TYR A 220 6.11 -4.30 -3.59
CA TYR A 220 6.76 -4.14 -2.27
C TYR A 220 8.06 -3.34 -2.25
N GLY A 221 8.39 -2.70 -3.36
CA GLY A 221 9.66 -1.98 -3.46
C GLY A 221 9.86 -0.54 -3.05
N VAL A 222 8.79 0.19 -2.72
CA VAL A 222 8.91 1.61 -2.36
C VAL A 222 9.40 1.98 -0.95
N LYS A 223 10.30 2.97 -0.87
CA LYS A 223 10.83 3.45 0.42
C LYS A 223 10.60 4.96 0.55
N THR A 224 10.32 5.41 1.79
CA THR A 224 10.09 6.83 2.10
C THR A 224 10.36 7.12 3.55
N ASN A 225 10.24 8.39 3.90
CA ASN A 225 10.39 8.81 5.28
C ASN A 225 8.98 9.15 5.77
N VAL A 226 8.86 9.52 7.04
CA VAL A 226 7.57 9.81 7.63
C VAL A 226 6.89 11.09 7.10
N GLN A 227 7.69 12.05 6.63
CA GLN A 227 7.14 13.30 6.10
C GLN A 227 6.45 13.06 4.77
N ASP A 228 7.14 12.46 3.81
CA ASP A 228 6.54 12.19 2.52
C ASP A 228 5.30 11.33 2.68
N MET A 229 5.42 10.30 3.51
CA MET A 229 4.33 9.39 3.75
C MET A 229 3.12 10.10 4.36
N ALA A 230 3.37 11.06 5.26
CA ALA A 230 2.27 11.81 5.88
C ALA A 230 1.56 12.64 4.82
N ASN A 231 2.32 13.14 3.85
CA ASN A 231 1.73 13.94 2.79
C ASN A 231 1.02 13.07 1.77
N TRP A 232 1.49 11.84 1.62
CA TRP A 232 0.86 10.88 0.74
C TRP A 232 -0.48 10.52 1.36
N VAL A 233 -0.55 10.52 2.70
CA VAL A 233 -1.81 10.20 3.36
C VAL A 233 -2.73 11.40 3.34
N MET A 234 -2.16 12.60 3.41
CA MET A 234 -2.95 13.82 3.37
C MET A 234 -3.59 13.96 1.98
N ALA A 235 -2.84 13.62 0.93
CA ALA A 235 -3.36 13.70 -0.43
C ALA A 235 -4.52 12.72 -0.62
N ASN A 236 -4.29 11.46 -0.26
CA ASN A 236 -5.33 10.44 -0.39
C ASN A 236 -6.53 10.74 0.53
N MET A 237 -6.29 11.41 1.64
CA MET A 237 -7.34 11.75 2.60
C MET A 237 -8.17 12.97 2.14
N ALA A 238 -7.52 13.89 1.43
CA ALA A 238 -8.20 15.09 0.94
C ALA A 238 -7.76 15.44 -0.50
N PRO A 239 -8.17 14.63 -1.47
CA PRO A 239 -7.83 14.86 -2.87
C PRO A 239 -8.30 16.17 -3.49
N GLU A 240 -9.29 16.84 -2.87
CA GLU A 240 -9.79 18.12 -3.40
C GLU A 240 -8.61 19.07 -3.51
N ASN A 241 -7.73 18.98 -2.50
CA ASN A 241 -6.55 19.82 -2.43
C ASN A 241 -5.46 19.37 -3.40
N VAL A 242 -5.77 18.42 -4.28
CA VAL A 242 -4.79 17.99 -5.28
C VAL A 242 -5.09 18.70 -6.60
N ALA A 243 -4.18 19.58 -7.00
CA ALA A 243 -4.34 20.38 -8.22
C ALA A 243 -4.42 19.60 -9.52
N ASP A 244 -3.43 18.73 -9.77
CA ASP A 244 -3.41 17.92 -10.99
C ASP A 244 -4.72 17.16 -11.12
N ALA A 245 -5.45 17.43 -12.20
CA ALA A 245 -6.77 16.82 -12.44
C ALA A 245 -6.86 15.30 -12.60
N SER A 246 -5.96 14.72 -13.39
CA SER A 246 -5.98 13.29 -13.58
C SER A 246 -5.58 12.59 -12.29
N LEU A 247 -4.60 13.17 -11.58
CA LEU A 247 -4.12 12.60 -10.33
C LEU A 247 -5.21 12.69 -9.27
N LYS A 248 -6.00 13.75 -9.34
CA LYS A 248 -7.11 13.93 -8.40
C LYS A 248 -8.09 12.77 -8.58
N GLN A 249 -8.37 12.42 -9.83
CA GLN A 249 -9.29 11.32 -10.16
C GLN A 249 -8.66 9.96 -9.89
N GLY A 250 -7.35 9.84 -10.08
CA GLY A 250 -6.66 8.59 -9.84
C GLY A 250 -6.77 8.22 -8.38
N ILE A 251 -6.72 9.23 -7.53
CA ILE A 251 -6.81 9.04 -6.10
C ILE A 251 -8.23 8.58 -5.71
N ALA A 252 -9.26 9.20 -6.29
CA ALA A 252 -10.63 8.81 -6.02
C ALA A 252 -10.89 7.36 -6.46
N LEU A 253 -10.35 7.00 -7.62
CA LEU A 253 -10.52 5.67 -8.19
C LEU A 253 -9.89 4.58 -7.33
N ALA A 254 -8.75 4.89 -6.71
CA ALA A 254 -8.07 3.93 -5.86
C ALA A 254 -8.85 3.69 -4.57
N GLN A 255 -9.61 4.69 -4.13
CA GLN A 255 -10.43 4.62 -2.92
C GLN A 255 -11.83 4.16 -3.24
N SER A 256 -12.07 3.85 -4.51
CA SER A 256 -13.40 3.40 -4.92
C SER A 256 -13.61 1.94 -4.54
N ARG A 257 -14.87 1.58 -4.27
CA ARG A 257 -15.20 0.21 -3.86
C ARG A 257 -15.61 -0.68 -5.03
N TYR A 258 -14.77 -1.68 -5.32
CA TYR A 258 -15.02 -2.59 -6.43
C TYR A 258 -15.60 -3.94 -6.02
N TRP A 259 -15.37 -4.34 -4.76
CA TRP A 259 -15.87 -5.62 -4.28
C TRP A 259 -16.13 -5.60 -2.77
N ARG A 260 -17.17 -6.30 -2.34
CA ARG A 260 -17.47 -6.42 -0.92
C ARG A 260 -16.99 -7.81 -0.53
N ILE A 261 -16.17 -7.88 0.52
CA ILE A 261 -15.66 -9.15 1.01
C ILE A 261 -15.95 -9.11 2.49
N GLY A 262 -17.10 -9.65 2.87
CA GLY A 262 -17.52 -9.65 4.27
C GLY A 262 -17.70 -8.21 4.75
N SER A 263 -16.88 -7.82 5.72
CA SER A 263 -16.94 -6.47 6.25
C SER A 263 -15.99 -5.52 5.50
N MET A 264 -15.24 -6.05 4.54
CA MET A 264 -14.30 -5.21 3.83
C MET A 264 -14.62 -4.89 2.39
N TYR A 265 -14.08 -3.76 1.93
CA TYR A 265 -14.27 -3.29 0.57
C TYR A 265 -12.92 -3.13 -0.08
N GLN A 266 -12.77 -3.65 -1.29
CA GLN A 266 -11.49 -3.58 -2.01
C GLN A 266 -11.35 -2.50 -3.06
N GLY A 267 -10.41 -1.60 -2.83
CA GLY A 267 -10.14 -0.54 -3.79
C GLY A 267 -8.94 -0.89 -4.66
N LEU A 268 -8.33 0.12 -5.25
CA LEU A 268 -7.13 -0.07 -6.07
C LEU A 268 -5.97 0.14 -5.08
N GLY A 269 -5.45 -0.95 -4.53
CA GLY A 269 -4.39 -0.85 -3.54
C GLY A 269 -4.97 -0.66 -2.14
N TRP A 270 -5.77 0.38 -1.95
CA TRP A 270 -6.39 0.63 -0.65
C TRP A 270 -7.51 -0.35 -0.37
N GLU A 271 -7.80 -0.55 0.92
CA GLU A 271 -8.87 -1.42 1.41
C GLU A 271 -9.68 -0.56 2.35
N MET A 272 -10.98 -0.78 2.42
CA MET A 272 -11.83 0.06 3.25
C MET A 272 -12.90 -0.70 4.01
N LEU A 273 -13.29 -0.12 5.14
CA LEU A 273 -14.40 -0.63 5.95
C LEU A 273 -15.23 0.61 6.26
N ASN A 274 -16.55 0.44 6.34
CA ASN A 274 -17.41 1.58 6.66
C ASN A 274 -17.07 2.06 8.05
N TRP A 275 -17.17 3.37 8.25
CA TRP A 275 -16.92 3.96 9.56
C TRP A 275 -18.28 4.42 10.03
N PRO A 276 -18.61 4.21 11.32
CA PRO A 276 -17.84 3.57 12.39
C PRO A 276 -17.64 2.07 12.27
N VAL A 277 -16.48 1.62 12.71
CA VAL A 277 -16.17 0.21 12.74
C VAL A 277 -15.48 -0.02 14.09
N GLU A 278 -15.76 -1.13 14.74
CA GLU A 278 -15.12 -1.44 16.01
C GLU A 278 -13.68 -1.91 15.77
N ALA A 279 -12.83 -1.78 16.78
CA ALA A 279 -11.45 -2.21 16.64
C ALA A 279 -11.38 -3.71 16.39
N ASN A 280 -12.25 -4.47 17.05
CA ASN A 280 -12.27 -5.93 16.91
C ASN A 280 -12.42 -6.42 15.48
N THR A 281 -13.25 -5.74 14.68
CA THR A 281 -13.41 -6.20 13.31
C THR A 281 -12.25 -5.83 12.40
N VAL A 282 -11.56 -4.73 12.69
CA VAL A 282 -10.40 -4.35 11.88
C VAL A 282 -9.18 -5.19 12.30
N VAL A 283 -9.02 -5.39 13.60
CA VAL A 283 -7.91 -6.18 14.12
C VAL A 283 -8.01 -7.63 13.66
N GLU A 284 -9.20 -8.21 13.74
CA GLU A 284 -9.36 -9.59 13.34
C GLU A 284 -9.38 -9.84 11.83
N GLY A 285 -9.78 -8.85 11.04
CA GLY A 285 -9.74 -9.00 9.60
C GLY A 285 -8.27 -8.93 9.18
N SER A 286 -7.44 -8.46 10.11
CA SER A 286 -5.99 -8.28 9.93
C SER A 286 -5.16 -9.55 10.05
N ASP A 287 -5.73 -10.59 10.65
CA ASP A 287 -5.06 -11.85 10.86
C ASP A 287 -4.74 -12.58 9.55
N SER A 288 -3.58 -13.23 9.50
CA SER A 288 -3.11 -13.97 8.32
C SER A 288 -4.16 -14.94 7.75
N LYS A 289 -4.80 -15.69 8.63
CA LYS A 289 -5.84 -16.65 8.24
C LYS A 289 -6.94 -15.98 7.42
N VAL A 290 -7.24 -14.73 7.72
CA VAL A 290 -8.24 -14.00 6.95
C VAL A 290 -7.59 -13.33 5.75
N ALA A 291 -6.51 -12.61 5.98
CA ALA A 291 -5.81 -11.89 4.90
C ALA A 291 -5.22 -12.72 3.76
N LEU A 292 -4.94 -14.00 4.01
CA LEU A 292 -4.33 -14.83 2.96
C LEU A 292 -5.32 -15.76 2.29
N ALA A 293 -6.46 -15.95 2.92
CA ALA A 293 -7.47 -16.84 2.40
C ALA A 293 -8.14 -16.32 1.15
N PRO A 294 -8.55 -17.24 0.26
CA PRO A 294 -9.22 -16.82 -0.95
C PRO A 294 -10.68 -16.77 -0.46
N LEU A 295 -11.27 -15.59 -0.48
CA LEU A 295 -12.64 -15.42 0.01
C LEU A 295 -13.61 -15.07 -1.13
N PRO A 296 -14.87 -15.53 -1.04
CA PRO A 296 -15.82 -15.22 -2.11
C PRO A 296 -16.15 -13.73 -2.11
N VAL A 297 -16.25 -13.14 -3.30
CA VAL A 297 -16.51 -11.72 -3.40
C VAL A 297 -17.93 -11.35 -3.85
N ALA A 298 -18.23 -10.06 -3.77
CA ALA A 298 -19.51 -9.51 -4.18
C ALA A 298 -19.20 -8.28 -5.02
N GLU A 299 -19.58 -8.30 -6.30
CA GLU A 299 -19.27 -7.17 -7.18
C GLU A 299 -20.07 -5.89 -6.88
N VAL A 300 -19.35 -4.78 -6.77
CA VAL A 300 -19.96 -3.48 -6.55
C VAL A 300 -19.97 -2.87 -7.94
N ASN A 301 -20.96 -3.26 -8.73
CA ASN A 301 -21.09 -2.81 -10.11
C ASN A 301 -22.36 -2.00 -10.29
N PRO A 302 -22.23 -0.71 -10.62
CA PRO A 302 -20.97 0.04 -10.83
C PRO A 302 -20.15 0.28 -9.57
N PRO A 303 -18.84 0.50 -9.74
CA PRO A 303 -17.91 0.76 -8.64
C PRO A 303 -18.41 1.95 -7.83
N ALA A 304 -18.41 1.81 -6.51
CA ALA A 304 -18.87 2.89 -5.64
C ALA A 304 -17.75 3.90 -5.50
N PRO A 305 -18.05 5.19 -5.68
CA PRO A 305 -17.05 6.26 -5.56
C PRO A 305 -16.70 6.41 -4.09
N PRO A 306 -15.52 7.00 -3.78
CA PRO A 306 -15.05 7.19 -2.40
C PRO A 306 -16.15 7.53 -1.38
N VAL A 307 -16.23 6.74 -0.30
CA VAL A 307 -17.18 7.07 0.74
C VAL A 307 -16.38 7.58 1.94
N LYS A 308 -16.60 8.86 2.23
CA LYS A 308 -15.91 9.59 3.30
C LYS A 308 -15.81 8.84 4.63
N ALA A 309 -16.96 8.38 5.11
CA ALA A 309 -17.00 7.62 6.35
C ALA A 309 -16.47 6.21 6.08
N SER A 310 -15.17 6.15 5.83
CA SER A 310 -14.50 4.89 5.58
C SER A 310 -13.25 4.88 6.43
N TRP A 311 -12.89 3.69 6.91
CA TRP A 311 -11.66 3.54 7.64
C TRP A 311 -10.82 2.99 6.49
N VAL A 312 -9.96 3.83 5.91
CA VAL A 312 -9.15 3.33 4.81
C VAL A 312 -7.71 3.10 5.25
N HIS A 313 -7.24 1.90 4.96
CA HIS A 313 -5.92 1.49 5.42
C HIS A 313 -5.15 0.55 4.51
N LYS A 314 -3.91 0.31 4.91
CA LYS A 314 -3.03 -0.62 4.22
C LYS A 314 -1.83 -0.90 5.11
N THR A 315 -1.53 -2.19 5.22
CA THR A 315 -0.43 -2.67 6.02
C THR A 315 0.65 -3.13 5.04
N GLY A 316 1.91 -3.07 5.45
CA GLY A 316 2.95 -3.52 4.55
C GLY A 316 4.22 -3.98 5.26
N SER A 317 4.86 -5.00 4.69
CA SER A 317 6.08 -5.51 5.28
C SER A 317 7.09 -6.03 4.28
N THR A 318 8.31 -6.13 4.78
CA THR A 318 9.44 -6.69 4.08
C THR A 318 10.08 -7.54 5.19
N GLY A 319 11.14 -8.27 4.87
CA GLY A 319 11.81 -9.07 5.86
C GLY A 319 12.18 -8.31 7.11
N GLY A 320 12.54 -7.04 6.96
CA GLY A 320 12.94 -6.27 8.13
C GLY A 320 12.08 -5.10 8.58
N PHE A 321 11.07 -4.73 7.81
CA PHE A 321 10.24 -3.59 8.19
C PHE A 321 8.77 -3.90 8.33
N GLY A 322 8.08 -3.03 9.07
CA GLY A 322 6.66 -3.15 9.29
C GLY A 322 6.09 -1.75 9.27
N SER A 323 5.10 -1.54 8.41
CA SER A 323 4.50 -0.23 8.30
C SER A 323 3.00 -0.35 8.22
N TYR A 324 2.31 0.70 8.66
CA TYR A 324 0.86 0.74 8.64
C TYR A 324 0.39 2.16 8.47
N VAL A 325 -0.69 2.32 7.71
CA VAL A 325 -1.30 3.64 7.51
C VAL A 325 -2.81 3.48 7.50
N ALA A 326 -3.48 4.42 8.16
CA ALA A 326 -4.93 4.41 8.21
C ALA A 326 -5.47 5.83 8.29
N PHE A 327 -6.59 6.07 7.61
CA PHE A 327 -7.21 7.38 7.64
C PHE A 327 -8.72 7.31 7.49
N ILE A 328 -9.40 8.32 8.05
CA ILE A 328 -10.86 8.42 8.02
C ILE A 328 -11.18 9.75 7.37
N PRO A 329 -11.47 9.75 6.06
CA PRO A 329 -11.79 10.99 5.34
C PRO A 329 -12.84 11.89 6.00
N GLU A 330 -13.96 11.31 6.41
CA GLU A 330 -15.02 12.05 7.06
C GLU A 330 -14.53 12.91 8.23
N LYS A 331 -13.55 12.39 8.97
CA LYS A 331 -13.07 13.13 10.13
C LYS A 331 -11.73 13.80 9.96
N GLN A 332 -11.21 13.76 8.74
CA GLN A 332 -9.91 14.33 8.44
C GLN A 332 -8.84 14.01 9.50
N ILE A 333 -8.68 12.71 9.76
CA ILE A 333 -7.65 12.23 10.66
C ILE A 333 -7.02 11.05 9.97
N GLY A 334 -5.73 10.84 10.23
CA GLY A 334 -5.00 9.74 9.64
C GLY A 334 -3.76 9.45 10.46
N ILE A 335 -3.15 8.30 10.21
CA ILE A 335 -1.93 7.89 10.92
C ILE A 335 -0.97 7.10 10.04
N VAL A 336 0.31 7.35 10.24
CA VAL A 336 1.41 6.69 9.56
C VAL A 336 2.25 6.06 10.67
N MET A 337 2.54 4.78 10.53
CA MET A 337 3.38 4.08 11.52
C MET A 337 4.43 3.30 10.74
N LEU A 338 5.66 3.79 10.75
CA LEU A 338 6.75 3.12 10.05
C LEU A 338 7.69 2.52 11.09
N ALA A 339 7.97 1.23 10.97
CA ALA A 339 8.85 0.58 11.95
C ALA A 339 9.86 -0.32 11.25
N ASN A 340 11.07 -0.43 11.79
CA ASN A 340 12.07 -1.29 11.17
C ASN A 340 12.16 -2.69 11.77
N THR A 341 11.00 -3.31 11.90
CA THR A 341 10.83 -4.67 12.39
C THR A 341 9.43 -5.04 11.93
N SER A 342 9.29 -6.18 11.26
CA SER A 342 7.98 -6.63 10.80
C SER A 342 7.24 -7.37 11.91
N TYR A 343 6.54 -6.64 12.77
CA TYR A 343 5.77 -7.24 13.85
C TYR A 343 4.38 -7.67 13.36
N PRO A 344 3.55 -8.32 14.20
CA PRO A 344 2.25 -8.69 13.64
C PRO A 344 1.25 -7.57 13.36
N ASN A 345 0.65 -7.64 12.18
CA ASN A 345 -0.34 -6.66 11.70
C ASN A 345 -1.45 -6.38 12.70
N PRO A 346 -2.01 -7.43 13.34
CA PRO A 346 -3.07 -7.12 14.30
C PRO A 346 -2.57 -6.15 15.37
N ALA A 347 -1.28 -6.22 15.71
CA ALA A 347 -0.73 -5.33 16.72
C ALA A 347 -0.63 -3.90 16.17
N ARG A 348 -0.40 -3.78 14.87
CA ARG A 348 -0.29 -2.47 14.21
C ARG A 348 -1.63 -1.76 14.18
N VAL A 349 -2.68 -2.44 13.75
CA VAL A 349 -3.98 -1.80 13.69
C VAL A 349 -4.60 -1.44 15.03
N GLU A 350 -4.35 -2.23 16.08
CA GLU A 350 -4.88 -1.93 17.42
C GLU A 350 -4.31 -0.62 17.94
N ALA A 351 -2.99 -0.47 17.79
CA ALA A 351 -2.28 0.72 18.20
C ALA A 351 -2.73 1.94 17.39
N ALA A 352 -2.88 1.75 16.08
CA ALA A 352 -3.32 2.82 15.19
C ALA A 352 -4.75 3.20 15.53
N TYR A 353 -5.60 2.19 15.68
CA TYR A 353 -7.00 2.41 16.01
C TYR A 353 -7.07 3.17 17.32
N HIS A 354 -6.20 2.82 18.25
CA HIS A 354 -6.18 3.45 19.56
C HIS A 354 -5.83 4.94 19.57
N ILE A 355 -4.83 5.34 18.78
CA ILE A 355 -4.48 6.74 18.75
C ILE A 355 -5.53 7.57 17.98
N LEU A 356 -6.04 7.05 16.87
CA LEU A 356 -7.07 7.75 16.08
C LEU A 356 -8.37 7.91 16.87
N GLU A 357 -8.74 6.86 17.61
CA GLU A 357 -9.95 6.86 18.42
C GLU A 357 -9.88 8.01 19.41
N ALA A 358 -8.66 8.41 19.76
CA ALA A 358 -8.48 9.51 20.71
C ALA A 358 -8.73 10.86 20.04
N LEU A 359 -8.74 10.90 18.71
CA LEU A 359 -8.91 12.14 17.98
C LEU A 359 -10.30 12.39 17.38
C1 LK5 B . 10.36 -11.85 5.05
C3 LK5 B . 10.46 -12.68 3.92
C4 LK5 B . 9.24 -13.57 3.91
C5 LK5 B . 8.24 -13.21 2.85
O4 LK5 B . 7.22 -12.39 3.41
C6 LK5 B . 6.92 -11.18 2.64
C7 LK5 B . 7.63 -10.02 3.33
C8 LK5 B . 6.82 -9.51 4.48
C9 LK5 B . 5.53 -8.86 4.00
C10 LK5 B . 4.60 -9.90 3.39
C11 LK5 B . 5.44 -10.94 2.65
C12 LK5 B . 4.42 -11.58 1.85
C13 LK5 B . 4.65 -12.71 0.93
O3 LK5 B . 5.40 -13.69 1.34
O2 LK5 B . 4.12 -12.64 -0.21
N1 LK5 B . 3.44 -10.70 1.52
C14 LK5 B . 3.55 -9.49 2.32
C15 LK5 B . 3.86 -8.27 1.46
C16 LK5 B . 4.20 -8.43 0.09
C2 LK5 B . 5.61 -8.78 -0.52
C17 LK5 B . 3.38 -6.93 1.88
O1 LK5 B . 3.62 -6.47 2.98
#